data_5HY1
#
_entry.id   5HY1
#
_cell.length_a   69.403
_cell.length_b   82.356
_cell.length_c   114.552
_cell.angle_alpha   90.00
_cell.angle_beta   90.00
_cell.angle_gamma   90.00
#
_symmetry.space_group_name_H-M   'I 2 2 2'
#
loop_
_entity.id
_entity.type
_entity.pdbx_description
1 polymer Barbiturase
2 non-polymer 1,3,5-triazine-2,4,6-triol
3 non-polymer 'SODIUM ION'
4 non-polymer 'CHLORIDE ION'
5 water water
#
_entity_poly.entity_id   1
_entity_poly.type   'polypeptide(L)'
_entity_poly.pdbx_seq_one_letter_code
;MGSSHHHHHHSSGLVPRGSHMPEAIEVRKVPLHSVSDASELAKLIDDGVLEADRVIAVIGKTEGNGGVNDYTRIIADRAF
REVLSAKGNRSPEEVAEVPIVWSGGTDGVISPHATIFATVPADKVTKTDEPRLTVGVAMSEQLLPEDIGRTAMITKVAAA
VKDAMADAGITDPADVHYVQTKTPLLTIHTIRDAKSRGKTVWTEQTHESMDLSNGGTALGIAVALGEIDMPTDEDVMHSR
ELFSSVASCSSGVELDRAQIVVVGNARGVGGRYRIGHSVMKDPLDQDGIWAAIRDAGLELPERPHSSDLDGQLVNVFLKC
EASQDGTVRGRRNAMLDDSDVHWHRQIKSCVGGVTAAVTGDPAVFVSVSAAHQGPEGGGPVAAIVDLGQ
;
_entity_poly.pdbx_strand_id   A
#
loop_
_chem_comp.id
_chem_comp.type
_chem_comp.name
_chem_comp.formula
CL non-polymer 'CHLORIDE ION' 'Cl -1'
NA non-polymer 'SODIUM ION' 'Na 1'
WDL non-polymer 1,3,5-triazine-2,4,6-triol 'C3 H3 N3 O3'
#
# COMPACT_ATOMS: atom_id res chain seq x y z
N MET A 21 5.39 -5.54 21.80
CA MET A 21 5.36 -4.09 22.01
C MET A 21 5.86 -3.37 20.78
N PRO A 22 5.14 -2.28 20.50
CA PRO A 22 5.55 -1.45 19.42
C PRO A 22 6.94 -0.86 19.66
N GLU A 23 7.73 -0.85 18.61
CA GLU A 23 9.05 -0.21 18.63
C GLU A 23 9.05 1.03 17.74
N ALA A 24 10.00 1.91 18.02
CA ALA A 24 10.21 3.08 17.18
C ALA A 24 10.65 2.64 15.80
N ILE A 25 10.31 3.43 14.79
CA ILE A 25 10.48 3.02 13.38
C ILE A 25 11.40 4.01 12.69
N GLU A 26 12.33 3.48 11.91
CA GLU A 26 13.12 4.27 10.97
C GLU A 26 12.57 3.98 9.55
N VAL A 27 12.34 5.03 8.79
CA VAL A 27 11.74 4.92 7.45
C VAL A 27 12.66 5.61 6.45
N ARG A 28 12.96 4.91 5.36
CA ARG A 28 13.86 5.45 4.34
C ARG A 28 13.34 5.05 2.97
N LYS A 29 13.19 6.04 2.09
CA LYS A 29 12.82 5.82 0.71
C LYS A 29 14.09 5.89 -0.13
N VAL A 30 14.34 4.85 -0.91
CA VAL A 30 15.53 4.80 -1.74
C VAL A 30 15.13 4.51 -3.18
N PRO A 31 15.87 5.04 -4.15
CA PRO A 31 15.59 4.70 -5.55
C PRO A 31 16.14 3.34 -5.95
N LEU A 32 15.50 2.73 -6.93
CA LEU A 32 16.04 1.58 -7.64
C LEU A 32 16.70 2.10 -8.92
N HIS A 33 17.99 1.82 -9.07
CA HIS A 33 18.71 2.27 -10.25
C HIS A 33 18.53 1.36 -11.46
N SER A 34 18.08 0.14 -11.21
CA SER A 34 17.75 -0.83 -12.23
C SER A 34 16.75 -1.82 -11.65
N VAL A 35 16.28 -2.73 -12.47
CA VAL A 35 15.27 -3.68 -12.05
C VAL A 35 15.72 -4.54 -10.89
N SER A 36 17.01 -4.88 -10.87
CA SER A 36 17.55 -5.77 -9.84
C SER A 36 18.42 -5.06 -8.81
N ASP A 37 18.26 -3.75 -8.67
CA ASP A 37 19.14 -2.95 -7.83
C ASP A 37 18.62 -2.88 -6.41
N ALA A 38 19.42 -3.39 -5.46
CA ALA A 38 19.17 -3.18 -4.03
C ALA A 38 20.34 -2.51 -3.36
N SER A 39 21.17 -1.80 -4.13
CA SER A 39 22.40 -1.21 -3.59
C SER A 39 22.12 -0.14 -2.55
N GLU A 40 21.01 0.61 -2.71
CA GLU A 40 20.72 1.68 -1.76
C GLU A 40 20.33 1.12 -0.41
N LEU A 41 19.65 -0.01 -0.39
CA LEU A 41 19.38 -0.70 0.88
C LEU A 41 20.71 -1.16 1.49
N ALA A 42 21.57 -1.77 0.68
CA ALA A 42 22.89 -2.20 1.14
C ALA A 42 23.69 -1.05 1.74
N LYS A 43 23.58 0.14 1.13
CA LYS A 43 24.29 1.30 1.64
C LYS A 43 23.73 1.78 2.98
N LEU A 44 22.42 1.78 3.13
CA LEU A 44 21.81 2.16 4.40
C LEU A 44 22.29 1.25 5.54
N ILE A 45 22.38 -0.04 5.26
CA ILE A 45 22.87 -0.98 6.26
C ILE A 45 24.35 -0.73 6.57
N ASP A 46 25.14 -0.57 5.53
CA ASP A 46 26.59 -0.35 5.71
C ASP A 46 26.88 0.91 6.53
N ASP A 47 26.15 1.97 6.28
CA ASP A 47 26.38 3.24 6.96
C ASP A 47 25.77 3.29 8.36
N GLY A 48 25.11 2.21 8.78
CA GLY A 48 24.56 2.14 10.12
C GLY A 48 23.24 2.88 10.31
N VAL A 49 22.59 3.30 9.22
CA VAL A 49 21.29 3.94 9.33
C VAL A 49 20.28 2.95 9.91
N LEU A 50 20.37 1.70 9.47
CA LEU A 50 19.50 0.65 9.96
C LEU A 50 20.20 -0.68 9.90
N GLU A 51 19.72 -1.61 10.69
CA GLU A 51 20.26 -2.97 10.73
C GLU A 51 19.39 -3.86 9.85
N ALA A 52 20.04 -4.77 9.12
CA ALA A 52 19.35 -5.64 8.20
C ALA A 52 18.27 -6.45 8.91
N ASP A 53 18.59 -7.03 10.06
CA ASP A 53 17.64 -7.86 10.79
C ASP A 53 16.46 -7.08 11.35
N ARG A 54 16.55 -5.76 11.40
CA ARG A 54 15.47 -4.94 11.92
C ARG A 54 14.53 -4.42 10.84
N VAL A 55 14.81 -4.72 9.57
CA VAL A 55 13.87 -4.39 8.49
C VAL A 55 12.62 -5.27 8.66
N ILE A 56 11.48 -4.64 8.91
CA ILE A 56 10.24 -5.35 9.10
C ILE A 56 9.26 -5.27 7.93
N ALA A 57 9.50 -4.33 7.02
CA ALA A 57 8.66 -4.19 5.86
C ALA A 57 9.30 -3.30 4.80
N VAL A 58 9.01 -3.61 3.55
CA VAL A 58 9.43 -2.80 2.41
C VAL A 58 8.22 -2.63 1.46
N ILE A 59 7.97 -1.42 0.99
CA ILE A 59 6.86 -1.11 0.11
C ILE A 59 7.45 -0.33 -1.06
N GLY A 60 7.35 -0.84 -2.28
CA GLY A 60 8.09 -0.23 -3.41
C GLY A 60 7.30 -0.22 -4.69
N LYS A 61 7.82 0.55 -5.64
CA LYS A 61 7.32 0.62 -7.01
C LYS A 61 8.35 0.09 -7.98
N THR A 62 7.92 -0.80 -8.87
CA THR A 62 8.80 -1.39 -9.87
C THR A 62 8.31 -1.05 -11.27
N GLU A 63 9.24 -1.07 -12.23
CA GLU A 63 9.05 -0.49 -13.54
C GLU A 63 8.40 -1.42 -14.57
N GLY A 64 7.84 -2.55 -14.11
CA GLY A 64 7.12 -3.44 -14.98
C GLY A 64 5.82 -2.85 -15.47
N ASN A 65 5.02 -3.67 -16.14
CA ASN A 65 3.79 -3.19 -16.71
C ASN A 65 2.67 -3.00 -15.67
N GLY A 66 2.88 -3.52 -14.45
CA GLY A 66 1.87 -3.40 -13.39
C GLY A 66 0.71 -4.36 -13.48
N GLY A 67 0.74 -5.28 -14.45
CA GLY A 67 -0.35 -6.23 -14.65
C GLY A 67 -0.01 -7.64 -14.15
N VAL A 68 -0.50 -8.63 -14.86
CA VAL A 68 -0.30 -10.02 -14.47
C VAL A 68 1.13 -10.46 -14.78
N ASN A 69 1.58 -10.21 -16.01
CA ASN A 69 2.91 -10.59 -16.46
C ASN A 69 3.94 -9.52 -16.18
N ASP A 70 4.05 -9.15 -14.90
CA ASP A 70 5.03 -8.18 -14.46
C ASP A 70 6.08 -8.93 -13.64
N TYR A 71 7.25 -9.13 -14.24
CA TYR A 71 8.32 -9.88 -13.57
C TYR A 71 9.35 -8.99 -12.89
N THR A 72 9.16 -7.68 -12.95
CA THR A 72 10.02 -6.77 -12.21
C THR A 72 9.78 -6.85 -10.71
N ARG A 73 8.60 -7.31 -10.30
CA ARG A 73 8.29 -7.48 -8.88
C ARG A 73 9.15 -8.58 -8.26
N ILE A 74 9.21 -9.73 -8.90
CA ILE A 74 10.06 -10.83 -8.37
C ILE A 74 11.54 -10.53 -8.49
N ILE A 75 11.93 -9.77 -9.52
CA ILE A 75 13.34 -9.41 -9.66
C ILE A 75 13.77 -8.51 -8.50
N ALA A 76 12.96 -7.52 -8.17
CA ALA A 76 13.26 -6.65 -7.04
C ALA A 76 13.18 -7.43 -5.72
N ASP A 77 12.19 -8.31 -5.60
CA ASP A 77 12.01 -9.10 -4.40
C ASP A 77 13.25 -9.96 -4.11
N ARG A 78 13.77 -10.61 -5.14
CA ARG A 78 14.97 -11.42 -4.97
C ARG A 78 16.17 -10.57 -4.60
N ALA A 79 16.36 -9.45 -5.28
CA ALA A 79 17.49 -8.57 -5.01
C ALA A 79 17.47 -8.04 -3.58
N PHE A 80 16.28 -7.68 -3.09
CA PHE A 80 16.15 -7.11 -1.76
C PHE A 80 16.31 -8.17 -0.68
N ARG A 81 15.70 -9.33 -0.87
CA ARG A 81 15.85 -10.41 0.12
C ARG A 81 17.27 -10.95 0.17
N GLU A 82 17.98 -10.93 -0.95
CA GLU A 82 19.39 -11.32 -0.95
C GLU A 82 20.25 -10.38 -0.10
N VAL A 83 19.96 -9.09 -0.16
CA VAL A 83 20.66 -8.13 0.70
C VAL A 83 20.36 -8.41 2.18
N LEU A 84 19.09 -8.57 2.50
CA LEU A 84 18.70 -8.80 3.87
C LEU A 84 19.33 -10.09 4.44
N SER A 85 19.39 -11.13 3.61
CA SER A 85 20.01 -12.37 4.04
C SER A 85 21.52 -12.24 4.18
N ALA A 86 22.15 -11.53 3.24
CA ALA A 86 23.60 -11.46 3.21
C ALA A 86 24.18 -10.62 4.37
N LYS A 87 23.47 -9.56 4.74
CA LYS A 87 23.98 -8.60 5.72
C LYS A 87 23.40 -8.76 7.12
N GLY A 88 22.54 -9.74 7.32
CA GLY A 88 21.95 -10.02 8.61
C GLY A 88 22.28 -11.41 9.13
N ASN A 89 21.79 -11.70 10.33
CA ASN A 89 21.83 -13.04 10.88
C ASN A 89 20.58 -13.88 10.55
N ARG A 90 19.56 -13.24 10.01
CA ARG A 90 18.34 -13.99 9.66
C ARG A 90 18.63 -14.99 8.55
N SER A 91 18.00 -16.15 8.63
CA SER A 91 18.09 -17.14 7.57
C SER A 91 17.25 -16.67 6.37
N PRO A 92 17.52 -17.23 5.18
CA PRO A 92 16.61 -17.00 4.06
C PRO A 92 15.15 -17.31 4.37
N GLU A 93 14.90 -18.26 5.27
CA GLU A 93 13.53 -18.58 5.67
C GLU A 93 12.90 -17.43 6.48
N GLU A 94 13.64 -16.88 7.43
CA GLU A 94 13.13 -15.76 8.21
C GLU A 94 13.02 -14.49 7.36
N VAL A 95 14.00 -14.24 6.49
CA VAL A 95 13.91 -13.12 5.57
C VAL A 95 12.68 -13.27 4.67
N ALA A 96 12.37 -14.50 4.26
CA ALA A 96 11.23 -14.74 3.38
C ALA A 96 9.90 -14.35 4.02
N GLU A 97 9.85 -14.27 5.35
CA GLU A 97 8.63 -13.88 6.05
C GLU A 97 8.49 -12.36 6.22
N VAL A 98 9.48 -11.59 5.81
CA VAL A 98 9.36 -10.13 5.85
C VAL A 98 8.37 -9.68 4.75
N PRO A 99 7.32 -8.92 5.10
CA PRO A 99 6.41 -8.44 4.08
C PRO A 99 7.07 -7.40 3.17
N ILE A 100 7.16 -7.72 1.90
CA ILE A 100 7.68 -6.83 0.90
C ILE A 100 6.64 -6.75 -0.21
N VAL A 101 6.12 -5.57 -0.44
CA VAL A 101 5.07 -5.37 -1.42
C VAL A 101 5.56 -4.56 -2.58
N TRP A 102 5.57 -5.15 -3.76
CA TRP A 102 6.03 -4.41 -4.93
C TRP A 102 4.83 -4.09 -5.80
N SER A 103 4.57 -2.82 -5.98
CA SER A 103 3.49 -2.39 -6.86
C SER A 103 4.15 -2.04 -8.20
N GLY A 104 3.95 -2.90 -9.17
CA GLY A 104 4.47 -2.67 -10.50
C GLY A 104 3.75 -1.57 -11.24
N GLY A 105 4.37 -1.11 -12.31
CA GLY A 105 3.82 -0.03 -13.12
C GLY A 105 4.22 1.34 -12.61
N THR A 106 5.14 1.98 -13.32
CA THR A 106 5.61 3.34 -12.97
C THR A 106 5.36 4.29 -14.15
N ASP A 107 4.17 4.19 -14.73
CA ASP A 107 3.83 4.95 -15.93
C ASP A 107 4.08 6.46 -15.74
N GLY A 108 4.66 7.08 -16.76
CA GLY A 108 4.95 8.48 -16.75
C GLY A 108 6.22 8.80 -16.01
N VAL A 109 6.15 9.75 -15.09
CA VAL A 109 7.36 10.19 -14.36
C VAL A 109 7.63 9.35 -13.09
N ILE A 110 6.72 8.43 -12.72
CA ILE A 110 6.87 7.71 -11.47
C ILE A 110 8.24 6.98 -11.46
N SER A 111 9.00 7.17 -10.40
CA SER A 111 10.36 6.64 -10.32
C SER A 111 10.41 5.41 -9.45
N PRO A 112 11.00 4.30 -9.97
CA PRO A 112 11.09 3.08 -9.17
C PRO A 112 11.83 3.33 -7.87
N HIS A 113 11.27 2.83 -6.78
CA HIS A 113 11.79 3.11 -5.47
C HIS A 113 11.26 2.10 -4.47
N ALA A 114 11.85 2.13 -3.28
CA ALA A 114 11.43 1.24 -2.19
C ALA A 114 11.48 2.04 -0.90
N THR A 115 10.41 1.95 -0.12
CA THR A 115 10.34 2.55 1.19
C THR A 115 10.63 1.44 2.21
N ILE A 116 11.70 1.62 2.98
N ILE A 116 11.68 1.61 3.00
CA ILE A 116 12.16 0.63 3.94
CA ILE A 116 12.15 0.60 3.93
C ILE A 116 11.64 1.01 5.33
C ILE A 116 11.73 0.99 5.35
N PHE A 117 11.11 0.04 6.05
CA PHE A 117 10.66 0.24 7.43
C PHE A 117 11.49 -0.66 8.35
N ALA A 118 12.08 -0.04 9.38
CA ALA A 118 12.94 -0.78 10.30
C ALA A 118 12.69 -0.32 11.74
N THR A 119 12.80 -1.25 12.68
CA THR A 119 12.73 -0.92 14.09
C THR A 119 14.05 -0.26 14.52
N VAL A 120 13.98 0.57 15.55
CA VAL A 120 15.13 1.32 16.05
C VAL A 120 15.53 0.70 17.40
N PRO A 121 16.82 0.43 17.61
CA PRO A 121 17.24 -0.08 18.92
C PRO A 121 16.96 0.93 20.04
N ALA A 122 16.71 0.42 21.23
CA ALA A 122 16.25 1.26 22.34
C ALA A 122 17.25 2.37 22.69
N ASP A 123 18.55 2.10 22.54
CA ASP A 123 19.54 3.09 22.87
C ASP A 123 19.65 4.22 21.83
N LYS A 124 18.79 4.22 20.80
CA LYS A 124 18.73 5.31 19.83
C LYS A 124 17.37 6.01 19.80
N VAL A 125 16.46 5.64 20.70
CA VAL A 125 15.09 6.16 20.69
C VAL A 125 14.93 7.20 21.80
N THR A 126 14.21 8.26 21.48
CA THR A 126 13.78 9.26 22.45
C THR A 126 12.27 9.15 22.62
N LYS A 127 11.86 8.44 23.67
CA LYS A 127 10.42 8.22 23.95
C LYS A 127 9.71 9.57 24.06
N THR A 128 8.53 9.67 23.48
CA THR A 128 7.74 10.91 23.53
C THR A 128 6.25 10.57 23.52
N ASP A 129 5.46 11.44 24.13
CA ASP A 129 4.01 11.29 24.11
C ASP A 129 3.40 11.70 22.76
N GLU A 130 4.17 12.38 21.91
N GLU A 130 4.17 12.39 21.92
CA GLU A 130 3.69 12.74 20.58
CA GLU A 130 3.68 12.75 20.59
C GLU A 130 3.37 11.49 19.78
C GLU A 130 3.37 11.49 19.78
N PRO A 131 2.36 11.55 18.91
CA PRO A 131 2.11 10.42 18.01
C PRO A 131 3.30 10.23 17.07
N ARG A 132 3.83 9.02 17.04
CA ARG A 132 4.95 8.67 16.17
C ARG A 132 4.68 7.35 15.47
N LEU A 133 5.43 7.10 14.41
CA LEU A 133 5.13 6.03 13.49
C LEU A 133 5.30 4.64 14.14
N THR A 134 4.34 3.75 13.85
CA THR A 134 4.41 2.38 14.31
C THR A 134 3.84 1.47 13.22
N VAL A 135 4.41 0.28 13.11
CA VAL A 135 4.08 -0.67 12.06
C VAL A 135 3.64 -1.99 12.67
N GLY A 136 2.56 -2.54 12.15
CA GLY A 136 2.09 -3.86 12.55
C GLY A 136 1.92 -4.74 11.34
N VAL A 137 2.27 -6.00 11.51
CA VAL A 137 2.23 -7.00 10.46
C VAL A 137 1.41 -8.22 10.93
N ALA A 138 0.70 -8.85 9.97
CA ALA A 138 -0.08 -10.09 10.16
C ALA A 138 -0.31 -10.87 8.87
N MET A 139 -0.65 -12.15 9.01
CA MET A 139 -1.03 -12.99 7.88
C MET A 139 -2.37 -13.62 8.17
N SER A 140 -3.24 -13.61 7.17
CA SER A 140 -4.56 -14.16 7.36
C SER A 140 -4.52 -15.64 7.17
N GLU A 141 -5.63 -16.24 7.49
CA GLU A 141 -5.80 -17.63 7.21
C GLU A 141 -5.89 -17.83 5.69
N GLN A 142 -5.56 -19.03 5.26
CA GLN A 142 -5.53 -19.42 3.87
C GLN A 142 -6.72 -18.90 3.07
N LEU A 143 -6.38 -18.28 1.94
CA LEU A 143 -7.37 -17.75 1.03
C LEU A 143 -7.60 -18.74 -0.10
N LEU A 144 -8.83 -19.25 -0.16
CA LEU A 144 -9.21 -20.20 -1.16
C LEU A 144 -9.62 -19.51 -2.44
N PRO A 145 -9.36 -20.18 -3.62
CA PRO A 145 -9.79 -19.48 -4.82
C PRO A 145 -11.23 -19.08 -4.75
N GLU A 146 -12.08 -19.95 -4.21
CA GLU A 146 -13.47 -19.64 -4.13
C GLU A 146 -13.77 -18.52 -3.13
N ASP A 147 -12.85 -18.21 -2.22
CA ASP A 147 -13.05 -17.10 -1.30
C ASP A 147 -12.89 -15.73 -1.97
N ILE A 148 -11.97 -15.66 -2.93
CA ILE A 148 -11.58 -14.40 -3.54
C ILE A 148 -12.82 -13.63 -3.99
N GLY A 149 -12.92 -12.39 -3.54
CA GLY A 149 -14.03 -11.53 -3.92
C GLY A 149 -15.33 -11.77 -3.20
N ARG A 150 -15.37 -12.73 -2.27
CA ARG A 150 -16.58 -13.04 -1.52
C ARG A 150 -16.39 -12.76 -0.04
N THR A 151 -17.48 -12.92 0.72
CA THR A 151 -17.46 -12.67 2.15
C THR A 151 -16.42 -13.49 2.91
N ALA A 152 -16.01 -14.63 2.37
CA ALA A 152 -14.93 -15.41 2.99
C ALA A 152 -13.61 -14.64 3.02
N MET A 153 -13.26 -14.01 1.92
CA MET A 153 -12.06 -13.16 1.89
C MET A 153 -12.21 -11.98 2.84
N ILE A 154 -13.40 -11.42 2.90
CA ILE A 154 -13.66 -10.23 3.73
C ILE A 154 -13.47 -10.57 5.19
N THR A 155 -14.03 -11.69 5.65
CA THR A 155 -13.94 -12.06 7.05
C THR A 155 -12.51 -12.45 7.43
N LYS A 156 -11.83 -13.21 6.56
CA LYS A 156 -10.45 -13.61 6.86
C LYS A 156 -9.52 -12.40 6.86
N VAL A 157 -9.74 -11.46 5.93
CA VAL A 157 -8.92 -10.25 5.92
C VAL A 157 -9.19 -9.38 7.15
N ALA A 158 -10.46 -9.20 7.47
CA ALA A 158 -10.83 -8.37 8.60
C ALA A 158 -10.18 -8.88 9.90
N ALA A 159 -10.10 -10.20 10.05
CA ALA A 159 -9.47 -10.78 11.23
C ALA A 159 -7.96 -10.52 11.23
N ALA A 160 -7.31 -10.69 10.09
CA ALA A 160 -5.89 -10.39 9.99
C ALA A 160 -5.56 -8.91 10.20
N VAL A 161 -6.43 -8.04 9.73
CA VAL A 161 -6.22 -6.59 9.93
C VAL A 161 -6.30 -6.27 11.42
N LYS A 162 -7.25 -6.89 12.12
CA LYS A 162 -7.33 -6.74 13.58
C LYS A 162 -6.06 -7.25 14.26
N ASP A 163 -5.49 -8.32 13.72
CA ASP A 163 -4.22 -8.85 14.22
C ASP A 163 -3.10 -7.83 14.05
N ALA A 164 -2.91 -7.34 12.81
CA ALA A 164 -1.83 -6.40 12.55
C ALA A 164 -2.03 -5.09 13.29
N MET A 165 -3.28 -4.66 13.43
CA MET A 165 -3.58 -3.44 14.14
C MET A 165 -3.14 -3.56 15.61
N ALA A 166 -3.40 -4.71 16.23
CA ALA A 166 -2.93 -4.94 17.59
C ALA A 166 -1.41 -5.11 17.63
N ASP A 167 -0.83 -5.71 16.60
CA ASP A 167 0.62 -5.87 16.54
C ASP A 167 1.34 -4.51 16.46
N ALA A 168 0.65 -3.51 15.91
CA ALA A 168 1.21 -2.14 15.85
C ALA A 168 1.04 -1.39 17.16
N GLY A 169 0.35 -1.97 18.14
CA GLY A 169 0.08 -1.26 19.38
C GLY A 169 -0.98 -0.17 19.21
N ILE A 170 -1.89 -0.34 18.26
CA ILE A 170 -2.93 0.63 17.97
C ILE A 170 -4.26 0.08 18.46
N THR A 171 -4.94 0.85 19.31
CA THR A 171 -6.24 0.47 19.81
C THR A 171 -7.40 1.23 19.17
N ASP A 172 -7.17 2.49 18.78
CA ASP A 172 -8.18 3.30 18.13
C ASP A 172 -8.00 3.23 16.60
N PRO A 173 -9.02 2.76 15.87
CA PRO A 173 -8.91 2.70 14.41
C PRO A 173 -8.58 4.04 13.74
N ALA A 174 -8.93 5.16 14.38
CA ALA A 174 -8.58 6.47 13.86
C ALA A 174 -7.06 6.69 13.83
N ASP A 175 -6.32 5.91 14.60
CA ASP A 175 -4.85 5.98 14.58
C ASP A 175 -4.21 5.12 13.50
N VAL A 176 -5.00 4.37 12.77
CA VAL A 176 -4.52 3.64 11.60
C VAL A 176 -4.70 4.54 10.38
N HIS A 177 -3.58 4.79 9.68
CA HIS A 177 -3.60 5.70 8.55
C HIS A 177 -3.34 5.03 7.20
N TYR A 178 -2.85 3.80 7.20
CA TYR A 178 -2.37 3.17 5.97
C TYR A 178 -2.21 1.66 6.17
N VAL A 179 -3.01 0.90 5.43
CA VAL A 179 -2.96 -0.58 5.48
C VAL A 179 -2.62 -1.07 4.07
N GLN A 180 -1.36 -1.40 3.87
CA GLN A 180 -0.88 -1.91 2.58
C GLN A 180 -0.93 -3.42 2.62
N THR A 181 -1.53 -4.03 1.58
CA THR A 181 -1.75 -5.45 1.57
C THR A 181 -1.23 -6.13 0.31
N LYS A 182 -1.28 -7.46 0.32
CA LYS A 182 -0.92 -8.30 -0.79
C LYS A 182 -1.80 -9.54 -0.73
N THR A 183 -2.49 -9.82 -1.83
CA THR A 183 -3.42 -10.92 -1.89
C THR A 183 -3.25 -11.66 -3.21
N PRO A 184 -3.63 -12.94 -3.26
CA PRO A 184 -3.38 -13.73 -4.45
C PRO A 184 -4.33 -13.42 -5.60
N LEU A 185 -3.98 -13.95 -6.77
CA LEU A 185 -4.84 -13.91 -7.94
C LEU A 185 -5.51 -15.27 -8.15
N LEU A 186 -6.49 -15.29 -9.06
CA LEU A 186 -7.06 -16.53 -9.53
C LEU A 186 -6.27 -16.97 -10.76
N THR A 187 -5.64 -18.14 -10.65
CA THR A 187 -4.83 -18.70 -11.72
C THR A 187 -5.50 -19.95 -12.30
N ILE A 188 -4.96 -20.42 -13.40
CA ILE A 188 -5.48 -21.61 -14.08
C ILE A 188 -5.51 -22.81 -13.11
N HIS A 189 -4.49 -22.93 -12.26
CA HIS A 189 -4.43 -24.02 -11.27
C HIS A 189 -5.38 -23.83 -10.12
N THR A 190 -5.46 -22.61 -9.58
CA THR A 190 -6.37 -22.42 -8.45
C THR A 190 -7.82 -22.50 -8.90
N ILE A 191 -8.10 -22.05 -10.11
CA ILE A 191 -9.47 -22.14 -10.65
C ILE A 191 -9.90 -23.62 -10.74
N ARG A 192 -8.96 -24.51 -11.08
CA ARG A 192 -9.25 -25.95 -11.11
C ARG A 192 -9.39 -26.41 -9.69
N ASP A 193 -8.53 -25.91 -8.82
CA ASP A 193 -8.56 -26.33 -7.43
C ASP A 193 -9.97 -26.12 -6.85
N ALA A 194 -10.65 -25.07 -7.28
CA ALA A 194 -12.03 -24.84 -6.88
C ALA A 194 -12.95 -25.86 -7.53
N LYS A 195 -12.89 -25.95 -8.86
CA LYS A 195 -13.76 -26.87 -9.60
C LYS A 195 -13.51 -28.33 -9.24
N SER A 196 -12.30 -28.66 -8.77
CA SER A 196 -12.04 -30.02 -8.30
C SER A 196 -12.88 -30.33 -7.05
N ARG A 197 -12.95 -29.38 -6.13
CA ARG A 197 -13.75 -29.52 -4.92
C ARG A 197 -15.22 -29.15 -5.14
N GLY A 198 -15.59 -28.79 -6.37
CA GLY A 198 -16.96 -28.47 -6.72
C GLY A 198 -17.23 -26.99 -6.92
N LYS A 199 -16.37 -26.14 -6.36
CA LYS A 199 -16.72 -24.76 -6.14
C LYS A 199 -16.65 -23.90 -7.40
N THR A 200 -17.34 -22.77 -7.34
CA THR A 200 -17.24 -21.74 -8.38
C THR A 200 -16.26 -20.66 -7.94
N VAL A 201 -15.81 -19.87 -8.92
CA VAL A 201 -14.99 -18.70 -8.66
C VAL A 201 -15.72 -17.47 -9.19
N TRP A 202 -15.28 -16.31 -8.71
CA TRP A 202 -15.93 -15.06 -9.05
C TRP A 202 -15.70 -14.71 -10.54
N THR A 203 -14.46 -14.78 -10.99
CA THR A 203 -14.11 -14.58 -12.39
C THR A 203 -13.04 -15.59 -12.78
N GLU A 204 -12.95 -15.84 -14.08
CA GLU A 204 -11.90 -16.70 -14.62
C GLU A 204 -10.86 -15.92 -15.42
N GLN A 205 -11.02 -14.61 -15.56
CA GLN A 205 -10.02 -13.76 -16.19
C GLN A 205 -9.02 -13.35 -15.10
N THR A 206 -7.76 -13.70 -15.28
CA THR A 206 -6.75 -13.41 -14.27
C THR A 206 -6.48 -11.92 -14.12
N HIS A 207 -6.55 -11.18 -15.21
N HIS A 207 -6.55 -11.18 -15.21
CA HIS A 207 -6.34 -9.73 -15.16
CA HIS A 207 -6.33 -9.72 -15.15
C HIS A 207 -7.42 -9.03 -14.34
C HIS A 207 -7.42 -9.04 -14.32
N GLU A 208 -8.66 -9.49 -14.47
CA GLU A 208 -9.76 -8.92 -13.69
C GLU A 208 -9.69 -9.34 -12.24
N SER A 209 -9.17 -10.54 -11.96
CA SER A 209 -9.02 -11.00 -10.59
C SER A 209 -8.15 -10.07 -9.75
N MET A 210 -7.28 -9.29 -10.40
N MET A 210 -7.26 -9.32 -10.40
CA MET A 210 -6.48 -8.31 -9.69
CA MET A 210 -6.48 -8.30 -9.72
C MET A 210 -7.36 -7.26 -9.02
C MET A 210 -7.39 -7.29 -9.01
N ASP A 211 -8.29 -6.67 -9.77
CA ASP A 211 -9.21 -5.68 -9.21
C ASP A 211 -10.11 -6.30 -8.14
N LEU A 212 -10.49 -7.56 -8.36
CA LEU A 212 -11.38 -8.24 -7.43
C LEU A 212 -10.69 -8.55 -6.11
N SER A 213 -9.46 -9.07 -6.19
CA SER A 213 -8.73 -9.43 -5.00
C SER A 213 -8.46 -8.21 -4.12
N ASN A 214 -8.07 -7.10 -4.73
CA ASN A 214 -7.85 -5.87 -3.98
C ASN A 214 -9.15 -5.35 -3.37
N GLY A 215 -10.25 -5.47 -4.11
CA GLY A 215 -11.54 -4.99 -3.62
C GLY A 215 -12.04 -5.74 -2.42
N GLY A 216 -12.04 -7.06 -2.51
CA GLY A 216 -12.47 -7.90 -1.38
C GLY A 216 -11.60 -7.69 -0.15
N THR A 217 -10.30 -7.53 -0.35
CA THR A 217 -9.39 -7.22 0.73
C THR A 217 -9.71 -5.85 1.36
N ALA A 218 -9.99 -4.86 0.51
CA ALA A 218 -10.32 -3.53 1.00
C ALA A 218 -11.58 -3.55 1.89
N LEU A 219 -12.57 -4.34 1.49
CA LEU A 219 -13.79 -4.49 2.30
C LEU A 219 -13.47 -5.10 3.64
N GLY A 220 -12.55 -6.06 3.69
CA GLY A 220 -12.13 -6.62 4.95
C GLY A 220 -11.49 -5.61 5.87
N ILE A 221 -10.60 -4.79 5.31
CA ILE A 221 -9.98 -3.71 6.08
C ILE A 221 -11.06 -2.75 6.62
N ALA A 222 -12.02 -2.37 5.78
CA ALA A 222 -13.04 -1.44 6.17
C ALA A 222 -13.90 -2.01 7.30
N VAL A 223 -14.20 -3.31 7.23
CA VAL A 223 -14.98 -3.95 8.30
C VAL A 223 -14.15 -3.95 9.60
N ALA A 224 -12.90 -4.40 9.52
CA ALA A 224 -12.05 -4.51 10.71
C ALA A 224 -11.90 -3.17 11.42
N LEU A 225 -11.71 -2.10 10.66
CA LEU A 225 -11.57 -0.76 11.21
C LEU A 225 -12.88 -0.06 11.49
N GLY A 226 -14.01 -0.77 11.30
CA GLY A 226 -15.32 -0.21 11.61
C GLY A 226 -15.76 0.89 10.68
N GLU A 227 -15.20 0.95 9.46
CA GLU A 227 -15.60 1.97 8.50
C GLU A 227 -16.93 1.62 7.82
N ILE A 228 -17.24 0.33 7.74
CA ILE A 228 -18.51 -0.12 7.13
C ILE A 228 -19.07 -1.29 7.95
N ASP A 229 -20.37 -1.51 7.81
CA ASP A 229 -20.96 -2.76 8.29
C ASP A 229 -20.55 -3.88 7.33
N MET A 230 -20.64 -5.11 7.81
CA MET A 230 -20.33 -6.26 6.98
C MET A 230 -21.19 -6.24 5.69
N PRO A 231 -20.54 -6.21 4.52
CA PRO A 231 -21.30 -6.23 3.28
C PRO A 231 -21.69 -7.65 2.87
N THR A 232 -22.33 -7.75 1.71
CA THR A 232 -22.70 -9.03 1.12
C THR A 232 -21.89 -9.28 -0.14
N ASP A 233 -21.99 -10.49 -0.66
CA ASP A 233 -21.27 -10.82 -1.90
C ASP A 233 -21.64 -9.88 -3.06
N GLU A 234 -22.92 -9.55 -3.18
CA GLU A 234 -23.37 -8.67 -4.27
C GLU A 234 -22.88 -7.22 -4.13
N ASP A 235 -22.31 -6.85 -3.00
CA ASP A 235 -21.74 -5.51 -2.85
C ASP A 235 -20.36 -5.40 -3.52
N VAL A 236 -19.63 -6.50 -3.57
CA VAL A 236 -18.24 -6.47 -4.02
C VAL A 236 -18.19 -6.07 -5.50
N MET A 237 -17.39 -5.05 -5.80
CA MET A 237 -17.27 -4.40 -7.10
C MET A 237 -18.53 -3.69 -7.58
N HIS A 238 -19.58 -3.66 -6.76
N HIS A 238 -19.58 -3.66 -6.76
CA HIS A 238 -20.86 -3.08 -7.15
CA HIS A 238 -20.87 -3.07 -7.15
C HIS A 238 -21.27 -1.90 -6.27
C HIS A 238 -21.28 -1.90 -6.26
N SER A 239 -21.19 -2.07 -4.95
CA SER A 239 -21.51 -1.00 -4.00
C SER A 239 -20.26 -0.19 -3.69
N ARG A 240 -19.93 0.70 -4.62
CA ARG A 240 -18.68 1.46 -4.52
C ARG A 240 -18.79 2.64 -3.54
N GLU A 241 -19.97 2.86 -2.94
CA GLU A 241 -20.08 3.76 -1.81
C GLU A 241 -19.54 3.15 -0.52
N LEU A 242 -19.33 1.83 -0.49
CA LEU A 242 -18.69 1.16 0.63
C LEU A 242 -17.18 1.09 0.38
N PHE A 243 -16.39 1.71 1.24
CA PHE A 243 -14.94 1.73 1.05
C PHE A 243 -14.22 2.02 2.36
N SER A 244 -12.95 1.63 2.39
CA SER A 244 -12.03 2.00 3.45
C SER A 244 -11.30 3.28 3.06
N SER A 245 -11.01 4.10 4.04
CA SER A 245 -10.29 5.35 3.82
C SER A 245 -8.78 5.24 4.06
N VAL A 246 -8.30 4.04 4.37
CA VAL A 246 -6.87 3.82 4.57
C VAL A 246 -6.32 2.61 3.83
N ALA A 247 -7.17 1.88 3.12
CA ALA A 247 -6.76 0.63 2.48
C ALA A 247 -6.01 0.91 1.18
N SER A 248 -4.88 0.24 1.02
CA SER A 248 -4.09 0.25 -0.22
C SER A 248 -3.76 -1.19 -0.52
N CYS A 249 -4.54 -1.78 -1.42
CA CYS A 249 -4.43 -3.21 -1.69
C CYS A 249 -3.84 -3.51 -3.10
N SER A 250 -2.95 -4.46 -3.11
CA SER A 250 -2.25 -4.87 -4.29
C SER A 250 -2.32 -6.36 -4.48
N SER A 251 -2.13 -6.77 -5.71
CA SER A 251 -2.00 -8.16 -6.04
C SER A 251 -1.08 -8.28 -7.26
N GLY A 252 -0.60 -9.48 -7.56
CA GLY A 252 -0.72 -10.69 -6.74
C GLY A 252 0.32 -11.74 -7.18
N LEU A 255 1.60 -16.06 -2.73
CA LEU A 255 0.98 -16.59 -1.53
C LEU A 255 -0.44 -17.06 -1.80
N ASP A 256 -0.96 -17.79 -0.84
CA ASP A 256 -2.37 -18.19 -0.84
C ASP A 256 -2.94 -17.60 0.43
N ARG A 257 -2.42 -16.43 0.78
CA ARG A 257 -2.85 -15.69 1.97
C ARG A 257 -2.65 -14.15 1.88
N ALA A 258 -3.60 -13.44 2.43
CA ALA A 258 -3.51 -11.99 2.50
C ALA A 258 -2.36 -11.65 3.38
N GLN A 259 -1.39 -10.94 2.85
CA GLN A 259 -0.38 -10.30 3.68
C GLN A 259 -0.82 -8.88 4.13
N ILE A 260 -0.72 -8.56 5.43
CA ILE A 260 -1.16 -7.26 5.94
C ILE A 260 -0.05 -6.42 6.54
N VAL A 261 0.07 -5.15 6.15
CA VAL A 261 1.02 -4.19 6.76
C VAL A 261 0.20 -2.99 7.24
N VAL A 262 0.03 -2.87 8.55
CA VAL A 262 -0.69 -1.75 9.14
C VAL A 262 0.33 -0.69 9.56
N VAL A 263 0.08 0.54 9.12
CA VAL A 263 0.93 1.68 9.44
C VAL A 263 0.08 2.77 10.07
N GLY A 264 0.44 3.16 11.29
CA GLY A 264 -0.28 4.18 12.01
C GLY A 264 0.64 4.90 12.99
N ASN A 265 0.05 5.52 14.01
CA ASN A 265 0.81 6.24 15.02
C ASN A 265 0.47 5.69 16.40
N ALA A 266 1.44 5.74 17.29
CA ALA A 266 1.24 5.40 18.69
C ALA A 266 1.96 6.44 19.53
N ARG A 267 1.38 6.73 20.69
CA ARG A 267 1.96 7.66 21.64
C ARG A 267 2.83 6.90 22.62
N GLY A 268 3.98 7.48 22.97
CA GLY A 268 4.87 6.86 23.94
C GLY A 268 5.86 5.87 23.37
N VAL A 269 6.06 5.88 22.06
CA VAL A 269 7.01 4.96 21.44
C VAL A 269 8.28 5.69 21.07
N GLY A 270 8.15 6.95 20.69
CA GLY A 270 9.31 7.70 20.20
C GLY A 270 9.54 7.47 18.71
N GLY A 271 10.62 8.04 18.21
CA GLY A 271 10.89 8.10 16.81
C GLY A 271 10.68 9.49 16.22
N ARG A 272 11.05 9.62 14.96
CA ARG A 272 11.03 10.94 14.31
C ARG A 272 10.01 11.09 13.20
N TYR A 273 9.39 9.98 12.79
CA TYR A 273 8.44 9.99 11.69
C TYR A 273 7.02 9.90 12.22
N ARG A 274 6.09 10.45 11.45
CA ARG A 274 4.68 10.39 11.74
C ARG A 274 3.90 10.23 10.43
N ILE A 275 2.78 9.53 10.50
CA ILE A 275 1.95 9.28 9.34
C ILE A 275 0.60 9.95 9.54
N GLY A 276 0.04 10.41 8.44
CA GLY A 276 -1.32 10.94 8.40
C GLY A 276 -1.95 10.55 7.07
N HIS A 277 -3.23 10.85 6.92
CA HIS A 277 -3.92 10.48 5.70
C HIS A 277 -5.12 11.37 5.45
N SER A 278 -5.58 11.33 4.21
CA SER A 278 -6.83 11.90 3.82
C SER A 278 -7.33 11.05 2.64
N VAL A 279 -8.19 11.62 1.79
N VAL A 279 -8.11 11.66 1.77
CA VAL A 279 -8.63 10.92 0.58
CA VAL A 279 -8.65 10.99 0.60
C VAL A 279 -8.51 11.85 -0.62
C VAL A 279 -8.48 11.87 -0.62
N MET A 280 -8.15 11.25 -1.76
CA MET A 280 -8.20 11.93 -3.04
C MET A 280 -9.62 11.70 -3.57
N LYS A 281 -10.41 12.74 -3.67
CA LYS A 281 -11.79 12.60 -4.10
C LYS A 281 -11.89 12.24 -5.59
N ASP A 282 -10.90 12.62 -6.39
CA ASP A 282 -10.85 12.26 -7.79
C ASP A 282 -9.37 12.33 -8.25
N PRO A 283 -9.07 12.00 -9.51
CA PRO A 283 -7.67 11.96 -9.91
C PRO A 283 -6.92 13.31 -9.85
N LEU A 284 -7.64 14.42 -9.76
CA LEU A 284 -7.01 15.74 -9.74
C LEU A 284 -6.97 16.38 -8.36
N ASP A 285 -7.38 15.64 -7.32
CA ASP A 285 -7.55 16.24 -5.99
C ASP A 285 -6.21 16.37 -5.26
N GLN A 286 -5.41 17.33 -5.69
CA GLN A 286 -4.17 17.66 -5.00
C GLN A 286 -4.41 18.14 -3.56
N ASP A 287 -5.53 18.83 -3.31
CA ASP A 287 -5.82 19.28 -1.95
C ASP A 287 -5.96 18.10 -0.98
N GLY A 288 -6.45 16.98 -1.46
CA GLY A 288 -6.49 15.76 -0.66
C GLY A 288 -5.09 15.28 -0.25
N ILE A 289 -4.13 15.40 -1.16
CA ILE A 289 -2.76 14.98 -0.86
C ILE A 289 -2.15 15.93 0.17
N TRP A 290 -2.37 17.23 0.00
CA TRP A 290 -1.88 18.19 0.95
C TRP A 290 -2.53 17.97 2.34
N ALA A 291 -3.81 17.60 2.36
CA ALA A 291 -4.48 17.29 3.61
C ALA A 291 -3.82 16.12 4.33
N ALA A 292 -3.36 15.11 3.56
CA ALA A 292 -2.66 13.99 4.15
C ALA A 292 -1.36 14.45 4.81
N ILE A 293 -0.61 15.31 4.12
CA ILE A 293 0.66 15.79 4.61
C ILE A 293 0.45 16.64 5.87
N ARG A 294 -0.57 17.48 5.87
CA ARG A 294 -0.89 18.26 7.03
C ARG A 294 -1.26 17.30 8.18
N ASP A 295 -2.11 16.32 7.91
CA ASP A 295 -2.54 15.36 8.95
C ASP A 295 -1.35 14.63 9.55
N ALA A 296 -0.29 14.43 8.76
CA ALA A 296 0.91 13.73 9.24
C ALA A 296 1.72 14.55 10.23
N GLY A 297 1.45 15.84 10.33
CA GLY A 297 2.09 16.72 11.32
C GLY A 297 2.90 17.85 10.77
N LEU A 298 3.06 17.95 9.45
CA LEU A 298 3.79 19.07 8.86
C LEU A 298 2.93 20.31 8.80
N GLU A 299 3.38 21.40 9.42
CA GLU A 299 2.69 22.67 9.26
C GLU A 299 3.01 23.26 7.88
N LEU A 300 1.98 23.66 7.15
CA LEU A 300 2.10 24.14 5.79
C LEU A 300 1.23 25.38 5.63
N PRO A 301 1.57 26.23 4.66
CA PRO A 301 0.69 27.34 4.34
C PRO A 301 -0.67 26.89 3.85
N GLU A 302 -1.58 27.87 3.78
CA GLU A 302 -2.96 27.70 3.34
C GLU A 302 -3.04 27.15 1.92
N ARG A 303 -2.13 27.60 1.08
CA ARG A 303 -2.06 27.13 -0.26
C ARG A 303 -0.66 26.64 -0.40
N PRO A 304 -0.39 25.38 -0.06
CA PRO A 304 1.01 25.02 -0.07
C PRO A 304 1.56 24.76 -1.45
N HIS A 305 2.87 24.64 -1.52
CA HIS A 305 3.52 24.37 -2.77
C HIS A 305 4.63 23.40 -2.42
N SER A 306 5.16 22.67 -3.40
CA SER A 306 6.16 21.65 -3.11
C SER A 306 7.40 22.18 -2.41
N SER A 307 7.78 23.41 -2.70
CA SER A 307 8.95 24.04 -2.08
C SER A 307 8.79 24.31 -0.58
N ASP A 308 7.57 24.17 -0.04
CA ASP A 308 7.37 24.31 1.39
C ASP A 308 7.78 23.05 2.18
N LEU A 309 8.11 21.95 1.52
CA LEU A 309 8.28 20.69 2.20
C LEU A 309 9.66 20.55 2.86
N ASP A 310 10.68 21.20 2.30
CA ASP A 310 12.02 21.27 2.89
C ASP A 310 12.57 19.90 3.27
N GLY A 311 12.38 18.94 2.38
CA GLY A 311 12.89 17.61 2.61
C GLY A 311 12.25 16.82 3.73
N GLN A 312 11.09 17.26 4.23
CA GLN A 312 10.46 16.60 5.38
C GLN A 312 9.40 15.57 4.99
N LEU A 313 9.10 15.43 3.71
CA LEU A 313 8.14 14.42 3.26
C LEU A 313 8.90 13.19 2.77
N VAL A 314 8.73 12.07 3.45
CA VAL A 314 9.43 10.85 3.09
C VAL A 314 8.78 10.25 1.82
N ASN A 315 7.46 10.11 1.83
CA ASN A 315 6.74 9.58 0.69
C ASN A 315 5.25 9.76 0.91
N VAL A 316 4.49 9.63 -0.16
CA VAL A 316 3.03 9.50 -0.08
C VAL A 316 2.65 8.16 -0.69
N PHE A 317 1.53 7.60 -0.23
CA PHE A 317 1.04 6.33 -0.67
C PHE A 317 -0.45 6.45 -0.94
N LEU A 318 -0.83 6.24 -2.20
CA LEU A 318 -2.21 6.44 -2.54
C LEU A 318 -2.70 5.51 -3.63
N LYS A 319 -4.02 5.47 -3.76
CA LYS A 319 -4.69 4.66 -4.80
C LYS A 319 -5.41 5.55 -5.79
N CYS A 320 -5.56 5.10 -7.01
CA CYS A 320 -6.35 5.81 -7.98
C CYS A 320 -7.13 4.85 -8.84
N GLU A 321 -8.10 5.38 -9.57
CA GLU A 321 -8.91 4.55 -10.45
C GLU A 321 -9.72 5.45 -11.37
N ALA A 322 -10.11 4.90 -12.51
CA ALA A 322 -11.09 5.51 -13.36
C ALA A 322 -12.50 5.19 -12.81
N SER A 323 -13.30 6.22 -12.63
CA SER A 323 -14.65 6.04 -12.14
C SER A 323 -15.50 5.28 -13.17
N GLN A 324 -16.48 4.55 -12.68
CA GLN A 324 -17.36 3.78 -13.56
C GLN A 324 -18.27 4.67 -14.41
N ASP A 325 -18.50 5.91 -14.00
CA ASP A 325 -19.35 6.82 -14.79
C ASP A 325 -18.62 7.46 -15.97
N GLY A 326 -17.31 7.25 -16.07
CA GLY A 326 -16.55 7.74 -17.20
C GLY A 326 -16.34 9.24 -17.23
N THR A 327 -16.45 9.91 -16.09
CA THR A 327 -16.31 11.36 -16.02
C THR A 327 -15.39 11.78 -14.90
N VAL A 328 -14.74 12.93 -15.09
CA VAL A 328 -13.97 13.60 -14.06
C VAL A 328 -14.37 15.06 -14.09
N ARG A 329 -14.97 15.54 -13.01
CA ARG A 329 -15.42 16.92 -12.87
C ARG A 329 -16.32 17.34 -14.00
N GLY A 330 -17.28 16.47 -14.32
CA GLY A 330 -18.27 16.77 -15.34
C GLY A 330 -17.82 16.52 -16.77
N ARG A 331 -16.56 16.17 -16.99
CA ARG A 331 -16.03 15.98 -18.31
C ARG A 331 -15.86 14.51 -18.62
N ARG A 332 -16.41 14.07 -19.75
CA ARG A 332 -16.22 12.74 -20.25
C ARG A 332 -14.74 12.47 -20.58
N ASN A 333 -14.29 11.27 -20.22
CA ASN A 333 -13.05 10.72 -20.75
C ASN A 333 -13.33 9.33 -21.31
N ALA A 334 -12.41 8.83 -22.12
CA ALA A 334 -12.60 7.57 -22.82
C ALA A 334 -11.77 6.42 -22.23
N MET A 335 -11.46 6.49 -20.94
CA MET A 335 -10.59 5.50 -20.33
C MET A 335 -11.19 4.11 -20.33
N LEU A 336 -12.45 4.00 -19.98
CA LEU A 336 -13.08 2.68 -19.83
C LEU A 336 -13.31 1.95 -21.14
N ASP A 337 -13.29 2.65 -22.27
CA ASP A 337 -13.47 2.01 -23.57
C ASP A 337 -12.16 1.74 -24.31
N ASP A 338 -11.02 2.06 -23.69
CA ASP A 338 -9.74 1.99 -24.39
C ASP A 338 -9.19 0.56 -24.33
N SER A 339 -9.34 -0.17 -25.44
CA SER A 339 -8.77 -1.51 -25.61
C SER A 339 -7.30 -1.49 -25.97
N ASP A 340 -6.72 -0.33 -26.25
CA ASP A 340 -5.31 -0.22 -26.62
C ASP A 340 -4.39 -0.14 -25.41
N VAL A 341 -4.69 0.80 -24.52
CA VAL A 341 -3.92 1.01 -23.28
C VAL A 341 -4.95 0.97 -22.16
N HIS A 342 -4.89 -0.08 -21.35
CA HIS A 342 -5.85 -0.26 -20.26
C HIS A 342 -5.87 0.95 -19.36
N TRP A 343 -7.04 1.28 -18.83
CA TRP A 343 -7.16 2.46 -17.97
C TRP A 343 -6.31 2.36 -16.70
N HIS A 344 -5.93 1.14 -16.30
CA HIS A 344 -4.97 0.97 -15.22
C HIS A 344 -3.73 1.79 -15.44
N ARG A 345 -3.19 1.73 -16.65
CA ARG A 345 -1.98 2.43 -16.99
C ARG A 345 -2.24 3.91 -17.23
N GLN A 346 -3.38 4.25 -17.82
CA GLN A 346 -3.69 5.64 -18.12
C GLN A 346 -3.83 6.45 -16.84
N ILE A 347 -4.64 5.98 -15.91
CA ILE A 347 -4.92 6.75 -14.70
C ILE A 347 -3.71 6.75 -13.76
N LYS A 348 -2.91 5.69 -13.79
CA LYS A 348 -1.71 5.63 -12.99
C LYS A 348 -0.72 6.74 -13.40
N SER A 349 -0.49 6.89 -14.71
CA SER A 349 0.37 7.92 -15.21
C SER A 349 -0.18 9.31 -14.87
N CYS A 350 -1.47 9.49 -15.06
CA CYS A 350 -2.14 10.75 -14.75
C CYS A 350 -1.94 11.14 -13.28
N VAL A 351 -2.35 10.27 -12.37
CA VAL A 351 -2.26 10.56 -10.95
C VAL A 351 -0.80 10.60 -10.48
N GLY A 352 0.07 9.86 -11.15
CA GLY A 352 1.51 9.99 -10.91
C GLY A 352 2.00 11.40 -11.07
N GLY A 353 1.54 12.08 -12.12
CA GLY A 353 1.92 13.47 -12.34
C GLY A 353 1.27 14.41 -11.33
N VAL A 354 -0.01 14.24 -11.10
CA VAL A 354 -0.76 15.04 -10.12
C VAL A 354 -0.06 14.95 -8.75
N THR A 355 0.36 13.75 -8.37
CA THR A 355 0.95 13.53 -7.07
C THR A 355 2.39 14.05 -6.98
N ALA A 356 3.20 13.72 -7.97
CA ALA A 356 4.56 14.21 -8.02
C ALA A 356 4.63 15.73 -8.11
N ALA A 357 3.62 16.35 -8.71
CA ALA A 357 3.54 17.81 -8.71
C ALA A 357 3.37 18.38 -7.31
N VAL A 358 2.72 17.64 -6.44
CA VAL A 358 2.56 18.06 -5.05
C VAL A 358 3.85 17.84 -4.25
N THR A 359 4.42 16.64 -4.34
CA THR A 359 5.60 16.30 -3.56
C THR A 359 6.88 16.87 -4.15
N GLY A 360 6.88 17.21 -5.43
CA GLY A 360 8.11 17.61 -6.10
C GLY A 360 9.09 16.48 -6.32
N ASP A 361 8.68 15.23 -6.03
CA ASP A 361 9.55 14.07 -6.15
C ASP A 361 8.82 12.98 -6.92
N PRO A 362 9.32 12.61 -8.12
CA PRO A 362 8.68 11.54 -8.88
C PRO A 362 8.67 10.20 -8.17
N ALA A 363 9.50 10.01 -7.14
CA ALA A 363 9.44 8.82 -6.33
C ALA A 363 8.23 8.89 -5.41
N VAL A 364 7.07 8.49 -5.93
CA VAL A 364 5.83 8.47 -5.17
C VAL A 364 5.22 7.08 -5.31
N PHE A 365 4.57 6.59 -4.25
CA PHE A 365 3.88 5.32 -4.31
C PHE A 365 2.45 5.56 -4.81
N VAL A 366 2.26 5.40 -6.11
CA VAL A 366 0.97 5.54 -6.73
C VAL A 366 0.56 4.17 -7.25
N SER A 367 -0.60 3.69 -6.77
CA SER A 367 -1.08 2.36 -7.08
C SER A 367 -2.48 2.47 -7.68
N VAL A 368 -2.76 1.61 -8.64
CA VAL A 368 -4.06 1.60 -9.33
C VAL A 368 -4.85 0.36 -8.88
N SER A 369 -6.13 0.38 -9.18
CA SER A 369 -7.10 -0.69 -8.86
C SER A 369 -7.57 -0.47 -7.42
N ALA A 370 -8.63 0.31 -7.24
CA ALA A 370 -9.00 0.89 -5.96
C ALA A 370 -10.44 0.62 -5.57
N ALA A 371 -10.97 -0.55 -5.97
CA ALA A 371 -12.33 -0.89 -5.59
C ALA A 371 -12.42 -0.97 -4.06
N HIS A 372 -13.39 -0.24 -3.50
CA HIS A 372 -13.60 -0.18 -2.04
C HIS A 372 -12.41 0.43 -1.30
N GLN A 373 -11.60 1.21 -2.00
CA GLN A 373 -10.47 1.93 -1.43
C GLN A 373 -10.67 3.40 -1.77
N GLY A 374 -11.27 4.14 -0.84
CA GLY A 374 -11.69 5.50 -1.09
C GLY A 374 -12.93 5.55 -1.98
N PRO A 375 -13.47 6.74 -2.19
CA PRO A 375 -14.65 6.87 -3.02
C PRO A 375 -14.37 6.56 -4.48
N GLU A 376 -15.43 6.25 -5.21
CA GLU A 376 -15.31 5.92 -6.64
C GLU A 376 -14.61 7.03 -7.40
N GLY A 377 -13.66 6.65 -8.24
CA GLY A 377 -12.85 7.60 -8.97
C GLY A 377 -11.70 8.20 -8.17
N GLY A 378 -11.62 7.90 -6.90
CA GLY A 378 -10.57 8.40 -6.03
C GLY A 378 -9.90 7.30 -5.25
N GLY A 379 -9.34 7.65 -4.10
CA GLY A 379 -8.69 6.69 -3.26
C GLY A 379 -8.09 7.32 -2.02
N PRO A 380 -7.68 6.48 -1.05
CA PRO A 380 -6.99 7.00 0.11
C PRO A 380 -5.62 7.55 -0.26
N VAL A 381 -5.10 8.45 0.57
CA VAL A 381 -3.73 8.96 0.40
C VAL A 381 -3.13 9.15 1.78
N ALA A 382 -2.01 8.49 2.02
CA ALA A 382 -1.28 8.60 3.27
C ALA A 382 0.04 9.28 3.03
N ALA A 383 0.53 9.99 4.03
CA ALA A 383 1.81 10.68 3.94
C ALA A 383 2.63 10.40 5.19
N ILE A 384 3.92 10.15 4.99
CA ILE A 384 4.88 9.98 6.09
C ILE A 384 5.85 11.15 6.04
N VAL A 385 5.97 11.84 7.16
CA VAL A 385 6.83 13.01 7.25
C VAL A 385 7.88 12.81 8.32
N ASP A 386 9.01 13.48 8.14
CA ASP A 386 10.11 13.46 9.09
C ASP A 386 10.00 14.70 9.97
N LEU A 387 9.63 14.49 11.22
CA LEU A 387 9.49 15.57 12.18
C LEU A 387 10.69 15.73 13.09
N GLY A 388 11.73 14.91 12.89
CA GLY A 388 12.90 14.95 13.77
C GLY A 388 13.89 16.03 13.40
N GLN A 389 14.88 16.21 14.28
CA GLN A 389 15.92 17.21 14.06
C GLN A 389 16.92 16.74 13.01
NAE WDL B . -1.77 -2.32 -8.81
CAH WDL B . -0.59 -1.81 -9.20
OAB WDL B . -0.54 -0.44 -9.43
N6 WDL B . 0.53 -2.50 -9.43
CAI WDL B . 0.41 -3.81 -9.18
NAF WDL B . -0.69 -4.44 -8.78
OAC WDL B . 1.50 -4.64 -9.34
CAG WDL B . -1.74 -3.64 -8.61
OAA WDL B . -2.87 -4.26 -8.15
NA NA C . -11.84 4.07 -5.06
CL CL D . 16.83 -3.06 21.58
CL CL E . -1.49 15.99 17.86
CL CL F . -0.27 31.05 5.26
#